data_18GS
#
_entry.id   18GS
#
_cell.length_a   78.502
_cell.length_b   89.635
_cell.length_c   68.907
_cell.angle_alpha   90.00
_cell.angle_beta   97.54
_cell.angle_gamma   90.00
#
_symmetry.space_group_name_H-M   'C 1 2 1'
#
loop_
_entity.id
_entity.type
_entity.pdbx_description
1 polymer 'GLUTATHIONE S-TRANSFERASE'
2 non-polymer 'GLUTATHIONE S-(2,4 DINITROBENZENE)'
3 non-polymer '2-(N-MORPHOLINO)-ETHANESULFONIC ACID'
4 water water
#
_entity_poly.entity_id   1
_entity_poly.type   'polypeptide(L)'
_entity_poly.pdbx_seq_one_letter_code
;MPPYTVVYFPVRGRCAALRMLLADQGQSWKEEVVTVETWQEGSLKASCLYGQLPKFQDGDLTLYQSNTILRHLGRTLGLY
GKDQQEAALVDMVNDGVEDLRCKYISLIYTNYEAGKDDYVKALPGQLKPFETLLSQNQGGKTFIVGDQISFADYNLLDLL
LIHEVLAPGCLDAFPLLSAYVGRLSARPKLKAFLASPEYVNLPINGNGKQ
;
_entity_poly.pdbx_strand_id   A,B
#
loop_
_chem_comp.id
_chem_comp.type
_chem_comp.name
_chem_comp.formula
GDN non-polymer 'GLUTATHIONE S-(2,4 DINITROBENZENE)' 'C16 H19 N5 O10 S'
MES non-polymer '2-(N-MORPHOLINO)-ETHANESULFONIC ACID' 'C6 H13 N O4 S'
#
# COMPACT_ATOMS: atom_id res chain seq x y z
N PRO A 3 15.86 19.10 7.41
CA PRO A 3 16.46 17.85 6.90
C PRO A 3 15.49 16.70 7.14
N TYR A 4 16.03 15.51 7.27
CA TYR A 4 15.23 14.31 7.50
C TYR A 4 15.35 13.79 8.91
N THR A 5 14.22 13.38 9.47
CA THR A 5 14.17 12.81 10.81
C THR A 5 13.25 11.59 10.80
N VAL A 6 13.78 10.47 11.28
CA VAL A 6 13.03 9.24 11.36
C VAL A 6 12.66 9.02 12.83
N VAL A 7 11.37 8.87 13.11
CA VAL A 7 10.91 8.63 14.49
C VAL A 7 10.39 7.19 14.53
N TYR A 8 11.09 6.33 15.26
CA TYR A 8 10.71 4.93 15.33
C TYR A 8 11.20 4.22 16.58
N PHE A 9 10.69 3.00 16.77
CA PHE A 9 11.11 2.17 17.88
C PHE A 9 12.51 1.67 17.52
N PRO A 10 13.25 1.16 18.51
CA PRO A 10 14.60 0.66 18.22
C PRO A 10 14.62 -0.70 17.50
N VAL A 11 14.13 -0.73 16.27
CA VAL A 11 14.11 -1.96 15.48
C VAL A 11 14.22 -1.56 14.01
N ARG A 12 14.58 -2.53 13.15
CA ARG A 12 14.69 -2.27 11.73
C ARG A 12 13.25 -2.14 11.18
N GLY A 13 12.49 -3.22 11.29
CA GLY A 13 11.11 -3.23 10.86
C GLY A 13 10.76 -2.48 9.59
N ARG A 14 9.73 -1.63 9.68
CA ARG A 14 9.26 -0.87 8.53
C ARG A 14 10.10 0.36 8.18
N CYS A 15 11.24 0.53 8.86
CA CYS A 15 12.13 1.65 8.56
C CYS A 15 13.41 1.19 7.88
N ALA A 16 13.65 -0.12 7.85
CA ALA A 16 14.85 -0.65 7.24
C ALA A 16 15.06 -0.23 5.78
N ALA A 17 14.01 -0.37 4.96
CA ALA A 17 14.10 -0.02 3.55
C ALA A 17 14.39 1.47 3.31
N LEU A 18 13.65 2.35 3.98
CA LEU A 18 13.87 3.78 3.79
C LEU A 18 15.23 4.21 4.31
N ARG A 19 15.75 3.54 5.33
CA ARG A 19 17.06 3.88 5.87
C ARG A 19 18.13 3.47 4.84
N MET A 20 17.95 2.30 4.24
CA MET A 20 18.88 1.82 3.23
C MET A 20 18.90 2.81 2.08
N LEU A 21 17.71 3.30 1.73
CA LEU A 21 17.57 4.26 0.64
C LEU A 21 18.35 5.53 0.93
N LEU A 22 18.13 6.10 2.11
CA LEU A 22 18.80 7.33 2.52
C LEU A 22 20.31 7.16 2.54
N ALA A 23 20.78 6.06 3.13
CA ALA A 23 22.22 5.79 3.22
C ALA A 23 22.85 5.64 1.84
N ASP A 24 22.24 4.82 1.00
CA ASP A 24 22.73 4.56 -0.34
C ASP A 24 22.71 5.82 -1.22
N GLN A 25 21.79 6.74 -0.95
CA GLN A 25 21.70 7.96 -1.73
C GLN A 25 22.56 9.06 -1.15
N GLY A 26 23.28 8.74 -0.08
CA GLY A 26 24.16 9.71 0.56
C GLY A 26 23.45 10.88 1.21
N GLN A 27 22.24 10.63 1.69
CA GLN A 27 21.46 11.67 2.36
C GLN A 27 21.66 11.60 3.87
N SER A 28 21.72 12.76 4.51
CA SER A 28 21.86 12.80 5.95
C SER A 28 20.47 12.80 6.56
N TRP A 29 20.34 12.17 7.74
CA TRP A 29 19.07 12.15 8.46
C TRP A 29 19.36 11.92 9.94
N LYS A 30 18.38 12.22 10.78
CA LYS A 30 18.50 12.07 12.23
C LYS A 30 17.55 10.97 12.71
N GLU A 31 17.99 10.19 13.69
CA GLU A 31 17.15 9.12 14.23
C GLU A 31 16.63 9.57 15.59
N GLU A 32 15.32 9.43 15.77
CA GLU A 32 14.67 9.76 17.03
C GLU A 32 14.11 8.45 17.51
N VAL A 33 14.79 7.83 18.46
CA VAL A 33 14.37 6.54 18.99
C VAL A 33 13.31 6.67 20.05
N VAL A 34 12.22 5.93 19.87
CA VAL A 34 11.12 5.95 20.82
C VAL A 34 11.11 4.66 21.65
N THR A 35 11.25 4.80 22.96
CA THR A 35 11.27 3.66 23.86
C THR A 35 9.84 3.20 24.16
N VAL A 36 9.71 1.96 24.63
CA VAL A 36 8.41 1.41 24.95
C VAL A 36 7.73 2.23 26.03
N GLU A 37 8.52 2.74 26.97
CA GLU A 37 7.99 3.55 28.05
C GLU A 37 7.39 4.85 27.51
N THR A 38 8.13 5.54 26.65
CA THR A 38 7.65 6.79 26.07
C THR A 38 6.38 6.53 25.28
N TRP A 39 6.35 5.41 24.55
CA TRP A 39 5.18 5.08 23.76
C TRP A 39 3.99 4.80 24.67
N GLN A 40 4.24 3.99 25.70
CA GLN A 40 3.19 3.64 26.65
C GLN A 40 2.67 4.86 27.40
N GLU A 41 3.46 5.93 27.42
CA GLU A 41 3.03 7.15 28.07
C GLU A 41 1.76 7.62 27.35
N GLY A 42 1.75 7.51 26.02
CA GLY A 42 0.56 7.87 25.26
C GLY A 42 0.47 9.18 24.48
N SER A 43 1.16 10.22 24.93
CA SER A 43 1.10 11.50 24.24
C SER A 43 1.60 11.45 22.80
N LEU A 44 2.74 10.81 22.57
CA LEU A 44 3.28 10.71 21.21
C LEU A 44 2.28 9.99 20.31
N LYS A 45 1.89 8.79 20.73
CA LYS A 45 0.95 7.97 19.98
C LYS A 45 -0.31 8.73 19.60
N ALA A 46 -0.89 9.43 20.58
CA ALA A 46 -2.10 10.21 20.35
C ALA A 46 -1.90 11.29 19.30
N SER A 47 -0.67 11.79 19.18
CA SER A 47 -0.33 12.82 18.21
C SER A 47 -0.05 12.27 16.82
N CYS A 48 0.12 10.96 16.71
CA CYS A 48 0.38 10.32 15.41
C CYS A 48 -0.94 10.15 14.66
N LEU A 49 -0.95 10.53 13.39
CA LEU A 49 -2.15 10.47 12.56
C LEU A 49 -2.95 9.17 12.69
N TYR A 50 -2.27 8.04 12.55
CA TYR A 50 -2.93 6.75 12.66
C TYR A 50 -2.51 6.03 13.94
N GLY A 51 -2.01 6.80 14.90
CA GLY A 51 -1.58 6.25 16.17
C GLY A 51 -0.43 5.27 16.09
N GLN A 52 0.39 5.40 15.06
CA GLN A 52 1.51 4.48 14.88
C GLN A 52 2.78 5.13 14.33
N LEU A 53 3.86 4.35 14.39
CA LEU A 53 5.17 4.76 13.88
C LEU A 53 5.45 3.80 12.71
N PRO A 54 6.36 4.18 11.81
CA PRO A 54 7.17 5.40 11.76
C PRO A 54 6.49 6.73 11.48
N LYS A 55 7.13 7.76 12.02
CA LYS A 55 6.73 9.14 11.80
C LYS A 55 7.99 9.67 11.08
N PHE A 56 7.81 10.53 10.09
CA PHE A 56 8.93 11.07 9.35
C PHE A 56 8.80 12.57 9.17
N GLN A 57 9.92 13.28 9.19
CA GLN A 57 9.91 14.72 9.01
C GLN A 57 10.91 15.11 7.94
N ASP A 58 10.44 15.94 7.02
CA ASP A 58 11.26 16.47 5.94
C ASP A 58 10.99 17.96 6.05
N GLY A 59 11.77 18.65 6.86
CA GLY A 59 11.52 20.06 7.06
C GLY A 59 10.25 20.09 7.87
N ASP A 60 9.33 21.00 7.56
CA ASP A 60 8.08 21.07 8.31
C ASP A 60 7.01 20.12 7.79
N LEU A 61 7.39 19.21 6.88
CA LEU A 61 6.44 18.23 6.36
C LEU A 61 6.54 17.01 7.25
N THR A 62 5.43 16.65 7.90
CA THR A 62 5.39 15.50 8.79
C THR A 62 4.58 14.40 8.12
N LEU A 63 5.19 13.22 8.02
CA LEU A 63 4.54 12.09 7.37
C LEU A 63 4.41 10.85 8.24
N TYR A 64 3.45 10.01 7.89
CA TYR A 64 3.22 8.74 8.55
C TYR A 64 3.04 7.76 7.40
N GLN A 65 3.16 6.46 7.71
CA GLN A 65 3.04 5.37 6.75
C GLN A 65 4.36 5.13 6.02
N SER A 66 4.98 3.99 6.31
CA SER A 66 6.27 3.63 5.72
C SER A 66 6.33 3.75 4.20
N ASN A 67 5.29 3.32 3.50
CA ASN A 67 5.30 3.39 2.04
C ASN A 67 5.15 4.82 1.53
N THR A 68 4.53 5.67 2.34
CA THR A 68 4.35 7.07 1.96
C THR A 68 5.74 7.72 2.03
N ILE A 69 6.51 7.34 3.04
CA ILE A 69 7.86 7.88 3.19
C ILE A 69 8.73 7.42 2.02
N LEU A 70 8.63 6.13 1.67
CA LEU A 70 9.40 5.58 0.56
C LEU A 70 9.05 6.27 -0.75
N ARG A 71 7.75 6.46 -1.01
CA ARG A 71 7.32 7.13 -2.24
C ARG A 71 7.72 8.59 -2.29
N HIS A 72 7.73 9.24 -1.13
CA HIS A 72 8.11 10.66 -1.05
C HIS A 72 9.59 10.82 -1.37
N LEU A 73 10.42 9.94 -0.79
CA LEU A 73 11.86 9.97 -1.02
C LEU A 73 12.12 9.57 -2.47
N GLY A 74 11.36 8.60 -2.98
CA GLY A 74 11.55 8.18 -4.35
C GLY A 74 11.23 9.32 -5.30
N ARG A 75 10.15 10.03 -4.99
CA ARG A 75 9.71 11.16 -5.78
C ARG A 75 10.75 12.29 -5.77
N THR A 76 11.14 12.71 -4.58
CA THR A 76 12.09 13.82 -4.45
C THR A 76 13.53 13.53 -4.85
N LEU A 77 13.97 12.29 -4.69
CA LEU A 77 15.34 11.92 -5.02
C LEU A 77 15.48 11.32 -6.43
N GLY A 78 14.38 11.23 -7.17
CA GLY A 78 14.44 10.67 -8.51
C GLY A 78 14.63 9.16 -8.57
N LEU A 79 13.94 8.44 -7.70
CA LEU A 79 14.00 6.99 -7.64
C LEU A 79 12.58 6.44 -7.83
N TYR A 80 11.91 6.91 -8.87
CA TYR A 80 10.53 6.52 -9.15
C TYR A 80 10.28 6.29 -10.64
N GLY A 81 11.27 5.71 -11.32
CA GLY A 81 11.12 5.44 -12.74
C GLY A 81 11.47 6.63 -13.62
N LYS A 82 11.74 6.38 -14.89
CA LYS A 82 12.10 7.45 -15.83
C LYS A 82 10.91 8.18 -16.42
N ASP A 83 9.73 7.55 -16.37
CA ASP A 83 8.52 8.16 -16.91
C ASP A 83 7.32 7.62 -16.17
N GLN A 84 6.12 7.98 -16.63
CA GLN A 84 4.90 7.53 -15.98
C GLN A 84 4.70 6.03 -16.02
N GLN A 85 5.02 5.40 -17.15
CA GLN A 85 4.87 3.95 -17.25
C GLN A 85 5.74 3.22 -16.23
N GLU A 86 7.02 3.56 -16.17
CA GLU A 86 7.92 2.92 -15.21
C GLU A 86 7.46 3.18 -13.79
N ALA A 87 6.93 4.37 -13.54
CA ALA A 87 6.45 4.72 -12.21
C ALA A 87 5.36 3.75 -11.79
N ALA A 88 4.48 3.38 -12.72
CA ALA A 88 3.40 2.44 -12.42
C ALA A 88 3.97 1.05 -12.12
N LEU A 89 4.99 0.64 -12.87
CA LEU A 89 5.61 -0.67 -12.65
C LEU A 89 6.30 -0.70 -11.29
N VAL A 90 6.88 0.44 -10.90
CA VAL A 90 7.55 0.55 -9.61
C VAL A 90 6.49 0.37 -8.52
N ASP A 91 5.33 1.00 -8.72
CA ASP A 91 4.24 0.90 -7.76
C ASP A 91 3.78 -0.56 -7.66
N MET A 92 3.67 -1.21 -8.82
CA MET A 92 3.23 -2.60 -8.87
C MET A 92 4.16 -3.50 -8.08
N VAL A 93 5.46 -3.21 -8.13
CA VAL A 93 6.43 -4.00 -7.39
C VAL A 93 6.30 -3.75 -5.89
N ASN A 94 6.23 -2.48 -5.49
CA ASN A 94 6.14 -2.14 -4.08
C ASN A 94 4.88 -2.67 -3.41
N ASP A 95 3.76 -2.66 -4.14
CA ASP A 95 2.51 -3.17 -3.59
C ASP A 95 2.65 -4.68 -3.36
N GLY A 96 3.36 -5.34 -4.28
CA GLY A 96 3.58 -6.78 -4.13
C GLY A 96 4.48 -7.04 -2.94
N VAL A 97 5.48 -6.17 -2.75
CA VAL A 97 6.41 -6.30 -1.62
C VAL A 97 5.64 -6.10 -0.33
N GLU A 98 4.79 -5.06 -0.30
CA GLU A 98 3.98 -4.78 0.88
C GLU A 98 3.07 -5.95 1.23
N ASP A 99 2.47 -6.58 0.21
CA ASP A 99 1.58 -7.71 0.43
C ASP A 99 2.29 -8.84 1.16
N LEU A 100 3.50 -9.16 0.71
CA LEU A 100 4.27 -10.23 1.34
C LEU A 100 4.74 -9.78 2.71
N ARG A 101 5.15 -8.52 2.84
CA ARG A 101 5.61 -8.03 4.15
C ARG A 101 4.50 -8.18 5.19
N CYS A 102 3.26 -7.94 4.76
CA CYS A 102 2.14 -8.07 5.68
C CYS A 102 2.00 -9.50 6.16
N LYS A 103 2.19 -10.47 5.27
CA LYS A 103 2.10 -11.88 5.63
C LYS A 103 3.24 -12.21 6.60
N TYR A 104 4.43 -11.71 6.29
CA TYR A 104 5.61 -11.93 7.12
C TYR A 104 5.37 -11.39 8.52
N ILE A 105 4.86 -10.16 8.59
CA ILE A 105 4.57 -9.52 9.86
C ILE A 105 3.52 -10.30 10.64
N SER A 106 2.50 -10.80 9.94
CA SER A 106 1.47 -11.57 10.61
C SER A 106 2.08 -12.79 11.27
N LEU A 107 2.93 -13.50 10.55
CA LEU A 107 3.58 -14.69 11.08
C LEU A 107 4.42 -14.36 12.32
N ILE A 108 5.30 -13.37 12.16
CA ILE A 108 6.19 -12.93 13.23
C ILE A 108 5.51 -12.55 14.54
N TYR A 109 4.48 -11.72 14.47
CA TYR A 109 3.80 -11.26 15.67
C TYR A 109 2.55 -12.04 16.06
N THR A 110 2.00 -12.81 15.12
CA THR A 110 0.75 -13.52 15.37
C THR A 110 0.80 -15.03 15.63
N ASN A 111 1.68 -15.74 14.93
CA ASN A 111 1.77 -17.18 15.19
C ASN A 111 3.00 -17.79 14.52
N TYR A 112 4.15 -17.35 15.00
CA TYR A 112 5.43 -17.82 14.52
C TYR A 112 5.60 -19.32 14.68
N GLU A 113 5.42 -19.78 15.90
CA GLU A 113 5.56 -21.19 16.24
C GLU A 113 4.74 -22.16 15.40
N ALA A 114 3.43 -21.96 15.37
CA ALA A 114 2.55 -22.84 14.62
C ALA A 114 2.43 -22.58 13.12
N GLY A 115 2.76 -21.38 12.68
CA GLY A 115 2.63 -21.07 11.27
C GLY A 115 3.89 -21.03 10.42
N LYS A 116 5.06 -21.13 11.05
CA LYS A 116 6.31 -21.06 10.31
C LYS A 116 6.44 -22.08 9.18
N ASP A 117 6.25 -23.36 9.49
CA ASP A 117 6.37 -24.41 8.48
C ASP A 117 5.54 -24.12 7.23
N ASP A 118 4.26 -23.84 7.45
CA ASP A 118 3.35 -23.53 6.34
C ASP A 118 3.83 -22.33 5.56
N TYR A 119 4.29 -21.32 6.29
CA TYR A 119 4.75 -20.09 5.66
C TYR A 119 5.95 -20.35 4.75
N VAL A 120 6.93 -21.08 5.27
CA VAL A 120 8.13 -21.38 4.51
C VAL A 120 7.80 -22.25 3.30
N LYS A 121 6.83 -23.14 3.46
CA LYS A 121 6.41 -24.02 2.37
C LYS A 121 5.82 -23.21 1.23
N ALA A 122 5.12 -22.14 1.59
CA ALA A 122 4.47 -21.28 0.60
C ALA A 122 5.38 -20.17 0.05
N LEU A 123 6.51 -19.94 0.69
CA LEU A 123 7.45 -18.88 0.29
C LEU A 123 7.86 -18.85 -1.19
N PRO A 124 8.27 -19.99 -1.76
CA PRO A 124 8.67 -20.00 -3.17
C PRO A 124 7.64 -19.35 -4.10
N GLY A 125 6.37 -19.74 -3.94
CA GLY A 125 5.32 -19.20 -4.76
C GLY A 125 5.16 -17.70 -4.58
N GLN A 126 5.51 -17.22 -3.39
CA GLN A 126 5.43 -15.79 -3.08
C GLN A 126 6.62 -14.99 -3.61
N LEU A 127 7.76 -15.64 -3.74
CA LEU A 127 8.96 -14.96 -4.23
C LEU A 127 9.01 -14.99 -5.75
N LYS A 128 8.42 -16.02 -6.34
CA LYS A 128 8.41 -16.19 -7.78
C LYS A 128 8.11 -14.96 -8.63
N PRO A 129 7.06 -14.19 -8.28
CA PRO A 129 6.76 -13.01 -9.09
C PRO A 129 7.94 -12.04 -9.25
N PHE A 130 8.74 -11.88 -8.20
CA PHE A 130 9.88 -10.97 -8.27
C PHE A 130 11.00 -11.53 -9.15
N GLU A 131 11.15 -12.85 -9.16
CA GLU A 131 12.16 -13.46 -10.02
C GLU A 131 11.69 -13.26 -11.45
N THR A 132 10.38 -13.38 -11.67
CA THR A 132 9.83 -13.22 -13.01
C THR A 132 10.04 -11.80 -13.51
N LEU A 133 9.79 -10.82 -12.64
CA LEU A 133 10.00 -9.42 -13.02
C LEU A 133 11.47 -9.20 -13.40
N LEU A 134 12.38 -9.76 -12.61
CA LEU A 134 13.81 -9.61 -12.88
C LEU A 134 14.15 -10.25 -14.24
N SER A 135 13.65 -11.46 -14.46
CA SER A 135 13.92 -12.18 -15.70
C SER A 135 13.44 -11.43 -16.94
N GLN A 136 12.48 -10.53 -16.77
CA GLN A 136 11.92 -9.76 -17.88
C GLN A 136 12.51 -8.36 -18.07
N ASN A 137 13.43 -7.97 -17.19
CA ASN A 137 14.08 -6.67 -17.27
C ASN A 137 15.59 -6.81 -17.42
N GLN A 138 16.06 -6.81 -18.67
CA GLN A 138 17.48 -6.92 -18.96
C GLN A 138 18.10 -8.16 -18.31
N GLY A 139 17.42 -9.29 -18.41
CA GLY A 139 17.92 -10.51 -17.85
C GLY A 139 18.17 -10.45 -16.36
N GLY A 140 17.55 -9.46 -15.70
CA GLY A 140 17.71 -9.31 -14.27
C GLY A 140 19.07 -8.80 -13.86
N LYS A 141 19.79 -8.16 -14.79
CA LYS A 141 21.13 -7.65 -14.52
C LYS A 141 21.19 -6.26 -13.90
N THR A 142 20.08 -5.55 -13.86
CA THR A 142 20.09 -4.20 -13.31
C THR A 142 19.20 -4.06 -12.07
N PHE A 143 18.02 -3.48 -12.25
CA PHE A 143 17.11 -3.28 -11.13
C PHE A 143 15.77 -3.94 -11.35
N ILE A 144 14.89 -3.82 -10.37
CA ILE A 144 13.58 -4.46 -10.49
C ILE A 144 12.74 -3.83 -11.59
N VAL A 145 12.89 -2.51 -11.80
CA VAL A 145 12.18 -1.81 -12.86
C VAL A 145 13.14 -0.85 -13.57
N GLY A 146 13.23 -0.98 -14.89
CA GLY A 146 14.10 -0.11 -15.67
C GLY A 146 15.58 -0.29 -15.41
N ASP A 147 16.38 0.70 -15.78
CA ASP A 147 17.82 0.60 -15.58
C ASP A 147 18.36 1.55 -14.52
N GLN A 148 17.47 2.09 -13.70
CA GLN A 148 17.87 2.99 -12.62
C GLN A 148 17.22 2.45 -11.36
N ILE A 149 17.88 2.64 -10.22
CA ILE A 149 17.35 2.15 -8.95
C ILE A 149 16.09 2.92 -8.56
N SER A 150 15.17 2.28 -7.85
CA SER A 150 13.92 2.92 -7.41
C SER A 150 13.68 2.59 -5.94
N PHE A 151 12.70 3.24 -5.33
CA PHE A 151 12.42 2.97 -3.93
C PHE A 151 11.95 1.54 -3.73
N ALA A 152 11.34 0.95 -4.77
CA ALA A 152 10.86 -0.42 -4.69
C ALA A 152 12.04 -1.39 -4.57
N ASP A 153 13.18 -1.02 -5.13
CA ASP A 153 14.38 -1.86 -5.03
C ASP A 153 14.81 -2.01 -3.58
N TYR A 154 14.83 -0.88 -2.87
CA TYR A 154 15.22 -0.89 -1.47
C TYR A 154 14.24 -1.69 -0.63
N ASN A 155 12.95 -1.53 -0.93
CA ASN A 155 11.93 -2.24 -0.18
C ASN A 155 12.01 -3.74 -0.46
N LEU A 156 12.15 -4.10 -1.74
CA LEU A 156 12.24 -5.51 -2.11
C LEU A 156 13.51 -6.12 -1.51
N LEU A 157 14.62 -5.39 -1.57
CA LEU A 157 15.87 -5.89 -1.00
C LEU A 157 15.70 -6.23 0.47
N ASP A 158 15.08 -5.33 1.24
CA ASP A 158 14.88 -5.63 2.66
C ASP A 158 14.02 -6.87 2.83
N LEU A 159 12.96 -6.98 2.04
CA LEU A 159 12.07 -8.13 2.12
C LEU A 159 12.86 -9.43 1.90
N LEU A 160 13.74 -9.42 0.89
CA LEU A 160 14.56 -10.59 0.58
C LEU A 160 15.55 -10.88 1.70
N LEU A 161 16.18 -9.84 2.23
CA LEU A 161 17.14 -10.02 3.32
C LEU A 161 16.49 -10.68 4.56
N ILE A 162 15.37 -10.14 5.03
CA ILE A 162 14.72 -10.70 6.21
C ILE A 162 14.17 -12.10 5.99
N HIS A 163 13.88 -12.45 4.74
CA HIS A 163 13.36 -13.80 4.49
C HIS A 163 14.50 -14.82 4.49
N GLU A 164 15.71 -14.39 4.11
CA GLU A 164 16.84 -15.31 4.13
C GLU A 164 17.19 -15.61 5.58
N VAL A 165 16.82 -14.69 6.48
CA VAL A 165 17.07 -14.88 7.90
C VAL A 165 15.99 -15.84 8.42
N LEU A 166 14.75 -15.66 7.94
CA LEU A 166 13.65 -16.51 8.37
C LEU A 166 13.75 -17.92 7.77
N ALA A 167 14.16 -17.99 6.51
CA ALA A 167 14.28 -19.26 5.82
C ALA A 167 15.61 -19.31 5.07
N PRO A 168 16.70 -19.54 5.80
CA PRO A 168 18.02 -19.59 5.14
C PRO A 168 17.96 -20.46 3.88
N GLY A 169 18.47 -19.93 2.78
CA GLY A 169 18.47 -20.68 1.53
C GLY A 169 17.26 -20.53 0.61
N CYS A 170 16.23 -19.78 1.04
CA CYS A 170 15.04 -19.61 0.22
C CYS A 170 15.33 -19.02 -1.17
N LEU A 171 16.42 -18.29 -1.30
CA LEU A 171 16.77 -17.70 -2.60
C LEU A 171 17.60 -18.64 -3.48
N ASP A 172 17.91 -19.82 -2.96
CA ASP A 172 18.67 -20.79 -3.74
C ASP A 172 17.84 -21.22 -4.95
N ALA A 173 16.53 -21.18 -4.79
CA ALA A 173 15.61 -21.56 -5.86
C ALA A 173 15.38 -20.45 -6.88
N PHE A 174 15.91 -19.26 -6.58
CA PHE A 174 15.74 -18.10 -7.46
C PHE A 174 17.08 -17.44 -7.75
N PRO A 175 17.75 -17.87 -8.83
CA PRO A 175 19.05 -17.35 -9.26
C PRO A 175 19.14 -15.83 -9.42
N LEU A 176 18.15 -15.26 -10.11
CA LEU A 176 18.13 -13.82 -10.34
C LEU A 176 18.00 -13.04 -9.05
N LEU A 177 17.07 -13.44 -8.19
CA LEU A 177 16.87 -12.77 -6.91
C LEU A 177 18.12 -12.91 -6.04
N SER A 178 18.76 -14.07 -6.10
CA SER A 178 19.97 -14.31 -5.32
C SER A 178 21.09 -13.35 -5.75
N ALA A 179 21.33 -13.25 -7.05
CA ALA A 179 22.37 -12.37 -7.57
C ALA A 179 22.02 -10.88 -7.32
N TYR A 180 20.73 -10.56 -7.39
CA TYR A 180 20.23 -9.22 -7.19
C TYR A 180 20.54 -8.75 -5.76
N VAL A 181 20.28 -9.62 -4.79
CA VAL A 181 20.57 -9.32 -3.39
C VAL A 181 22.08 -9.06 -3.19
N GLY A 182 22.91 -9.90 -3.81
CA GLY A 182 24.35 -9.74 -3.69
C GLY A 182 24.86 -8.47 -4.33
N ARG A 183 24.33 -8.18 -5.52
CA ARG A 183 24.70 -6.99 -6.29
C ARG A 183 24.35 -5.68 -5.56
N LEU A 184 23.09 -5.52 -5.18
CA LEU A 184 22.65 -4.30 -4.51
C LEU A 184 23.35 -4.12 -3.15
N SER A 185 23.52 -5.22 -2.43
CA SER A 185 24.17 -5.19 -1.12
C SER A 185 25.63 -4.76 -1.24
N ALA A 186 26.17 -4.87 -2.45
CA ALA A 186 27.57 -4.50 -2.70
C ALA A 186 27.76 -3.03 -3.02
N ARG A 187 26.65 -2.33 -3.28
CA ARG A 187 26.76 -0.91 -3.57
C ARG A 187 27.52 -0.34 -2.38
N PRO A 188 28.67 0.32 -2.63
CA PRO A 188 29.52 0.90 -1.59
C PRO A 188 28.87 1.56 -0.38
N LYS A 189 28.06 2.59 -0.59
CA LYS A 189 27.41 3.25 0.53
C LYS A 189 26.46 2.34 1.29
N LEU A 190 25.71 1.51 0.56
CA LEU A 190 24.76 0.59 1.18
C LEU A 190 25.51 -0.51 1.94
N LYS A 191 26.57 -1.02 1.33
CA LYS A 191 27.40 -2.06 1.95
C LYS A 191 27.90 -1.55 3.30
N ALA A 192 28.37 -0.31 3.32
CA ALA A 192 28.88 0.29 4.55
C ALA A 192 27.78 0.42 5.60
N PHE A 193 26.58 0.80 5.16
CA PHE A 193 25.45 0.96 6.09
C PHE A 193 25.02 -0.39 6.68
N LEU A 194 24.89 -1.39 5.82
CA LEU A 194 24.45 -2.71 6.26
C LEU A 194 25.41 -3.35 7.26
N ALA A 195 26.69 -2.98 7.18
CA ALA A 195 27.69 -3.54 8.08
C ALA A 195 27.86 -2.70 9.35
N SER A 196 27.29 -1.51 9.36
CA SER A 196 27.41 -0.57 10.48
C SER A 196 26.60 -0.93 11.73
N PRO A 197 27.09 -0.53 12.91
CA PRO A 197 26.40 -0.82 14.17
C PRO A 197 24.97 -0.28 14.22
N GLU A 198 24.72 0.85 13.55
CA GLU A 198 23.39 1.44 13.58
C GLU A 198 22.34 0.57 12.90
N TYR A 199 22.79 -0.36 12.05
CA TYR A 199 21.90 -1.29 11.37
C TYR A 199 22.01 -2.65 12.05
N VAL A 200 23.24 -3.14 12.18
CA VAL A 200 23.47 -4.45 12.78
C VAL A 200 23.01 -4.64 14.23
N ASN A 201 23.11 -3.61 15.06
CA ASN A 201 22.72 -3.75 16.46
C ASN A 201 21.24 -3.53 16.76
N LEU A 202 20.44 -3.44 15.70
CA LEU A 202 19.00 -3.26 15.83
C LEU A 202 18.33 -4.59 15.50
N PRO A 203 17.29 -4.98 16.27
CA PRO A 203 16.64 -6.25 15.94
C PRO A 203 15.79 -6.05 14.68
N ILE A 204 15.44 -7.13 14.00
CA ILE A 204 14.63 -7.01 12.80
C ILE A 204 13.21 -6.61 13.18
N ASN A 205 12.66 -7.29 14.18
CA ASN A 205 11.30 -7.02 14.65
C ASN A 205 11.26 -6.61 16.12
N GLY A 206 10.09 -6.14 16.56
CA GLY A 206 9.96 -5.70 17.93
C GLY A 206 9.73 -6.76 18.98
N ASN A 207 9.46 -7.99 18.56
CA ASN A 207 9.22 -9.06 19.52
C ASN A 207 10.38 -10.04 19.62
N GLY A 208 11.50 -9.71 19.00
CA GLY A 208 12.66 -10.59 19.07
C GLY A 208 12.64 -11.80 18.16
N LYS A 209 11.58 -11.99 17.38
CA LYS A 209 11.50 -13.13 16.49
C LYS A 209 12.00 -12.76 15.10
N GLN A 210 12.49 -13.75 14.35
CA GLN A 210 13.01 -13.51 13.01
C GLN A 210 13.19 -14.83 12.27
N PRO B 3 -7.17 2.00 -24.90
CA PRO B 3 -8.17 2.42 -23.89
C PRO B 3 -7.95 1.71 -22.56
N TYR B 4 -8.95 1.78 -21.69
CA TYR B 4 -8.88 1.14 -20.39
C TYR B 4 -9.74 -0.12 -20.32
N THR B 5 -9.20 -1.15 -19.68
CA THR B 5 -9.91 -2.40 -19.50
C THR B 5 -9.69 -2.89 -18.06
N VAL B 6 -10.76 -3.13 -17.31
CA VAL B 6 -10.59 -3.64 -15.96
C VAL B 6 -11.07 -5.10 -15.97
N VAL B 7 -10.20 -6.00 -15.53
CA VAL B 7 -10.47 -7.43 -15.50
C VAL B 7 -10.69 -7.83 -14.05
N TYR B 8 -11.92 -8.24 -13.72
CA TYR B 8 -12.23 -8.57 -12.34
C TYR B 8 -13.42 -9.50 -12.21
N PHE B 9 -13.62 -9.99 -10.99
CA PHE B 9 -14.75 -10.84 -10.69
C PHE B 9 -15.98 -9.94 -10.65
N PRO B 10 -17.19 -10.52 -10.73
CA PRO B 10 -18.40 -9.69 -10.69
C PRO B 10 -18.74 -9.15 -9.32
N VAL B 11 -17.88 -8.28 -8.78
CA VAL B 11 -18.11 -7.68 -7.47
C VAL B 11 -17.49 -6.28 -7.48
N ARG B 12 -17.88 -5.43 -6.53
CA ARG B 12 -17.33 -4.08 -6.45
C ARG B 12 -15.90 -4.24 -5.90
N GLY B 13 -15.81 -4.73 -4.66
CA GLY B 13 -14.53 -4.98 -4.03
C GLY B 13 -13.43 -3.95 -4.24
N ARG B 14 -12.25 -4.43 -4.66
CA ARG B 14 -11.10 -3.56 -4.88
C ARG B 14 -11.13 -2.78 -6.19
N CYS B 15 -12.22 -2.88 -6.94
CA CYS B 15 -12.33 -2.14 -8.20
C CYS B 15 -13.33 -0.98 -8.09
N ALA B 16 -14.08 -0.94 -6.99
CA ALA B 16 -15.09 0.11 -6.80
C ALA B 16 -14.51 1.52 -6.89
N ALA B 17 -13.43 1.78 -6.15
CA ALA B 17 -12.81 3.11 -6.14
C ALA B 17 -12.31 3.55 -7.51
N LEU B 18 -11.55 2.69 -8.20
CA LEU B 18 -11.03 3.06 -9.51
C LEU B 18 -12.14 3.25 -10.54
N ARG B 19 -13.25 2.51 -10.38
CA ARG B 19 -14.37 2.64 -11.30
C ARG B 19 -15.02 4.00 -11.07
N MET B 20 -15.18 4.38 -9.80
CA MET B 20 -15.78 5.67 -9.44
C MET B 20 -14.92 6.78 -10.04
N LEU B 21 -13.60 6.59 -9.97
CA LEU B 21 -12.65 7.57 -10.49
C LEU B 21 -12.83 7.74 -12.00
N LEU B 22 -12.84 6.63 -12.72
CA LEU B 22 -13.00 6.65 -14.17
C LEU B 22 -14.31 7.32 -14.58
N ALA B 23 -15.41 6.91 -13.95
CA ALA B 23 -16.72 7.46 -14.25
C ALA B 23 -16.78 8.96 -13.99
N ASP B 24 -16.34 9.37 -12.80
CA ASP B 24 -16.34 10.78 -12.41
C ASP B 24 -15.45 11.63 -13.29
N GLN B 25 -14.38 11.03 -13.80
CA GLN B 25 -13.45 11.75 -14.67
C GLN B 25 -13.88 11.69 -16.13
N GLY B 26 -15.06 11.14 -16.38
CA GLY B 26 -15.56 11.06 -17.74
C GLY B 26 -14.78 10.13 -18.65
N GLN B 27 -14.09 9.16 -18.07
CA GLN B 27 -13.30 8.22 -18.85
C GLN B 27 -14.16 7.03 -19.26
N SER B 28 -13.86 6.46 -20.43
CA SER B 28 -14.58 5.29 -20.91
C SER B 28 -13.70 4.09 -20.63
N TRP B 29 -14.31 2.97 -20.30
CA TRP B 29 -13.55 1.77 -20.05
C TRP B 29 -14.35 0.53 -20.33
N LYS B 30 -13.65 -0.57 -20.52
CA LYS B 30 -14.29 -1.82 -20.80
C LYS B 30 -14.18 -2.74 -19.59
N GLU B 31 -15.26 -3.46 -19.30
CA GLU B 31 -15.25 -4.39 -18.19
C GLU B 31 -15.14 -5.81 -18.71
N GLU B 32 -14.18 -6.55 -18.18
CA GLU B 32 -13.98 -7.95 -18.56
C GLU B 32 -14.28 -8.72 -17.30
N VAL B 33 -15.49 -9.29 -17.25
CA VAL B 33 -15.92 -10.05 -16.07
C VAL B 33 -15.39 -11.47 -16.07
N VAL B 34 -14.75 -11.85 -14.97
CA VAL B 34 -14.20 -13.19 -14.83
C VAL B 34 -15.07 -14.01 -13.88
N THR B 35 -15.61 -15.11 -14.38
CA THR B 35 -16.46 -16.00 -13.60
C THR B 35 -15.61 -16.93 -12.75
N VAL B 36 -16.22 -17.48 -11.71
CA VAL B 36 -15.53 -18.39 -10.82
C VAL B 36 -15.01 -19.61 -11.59
N GLU B 37 -15.79 -20.05 -12.58
CA GLU B 37 -15.40 -21.20 -13.38
C GLU B 37 -14.14 -20.90 -14.18
N THR B 38 -14.12 -19.75 -14.85
CA THR B 38 -12.96 -19.36 -15.64
C THR B 38 -11.74 -19.24 -14.74
N TRP B 39 -11.93 -18.67 -13.55
CA TRP B 39 -10.82 -18.52 -12.62
C TRP B 39 -10.33 -19.89 -12.17
N GLN B 40 -11.27 -20.76 -11.80
CA GLN B 40 -10.93 -22.10 -11.35
C GLN B 40 -10.23 -22.90 -12.45
N GLU B 41 -10.39 -22.45 -13.70
CA GLU B 41 -9.75 -23.11 -14.82
C GLU B 41 -8.24 -23.03 -14.60
N GLY B 42 -7.78 -21.89 -14.11
CA GLY B 42 -6.36 -21.73 -13.81
C GLY B 42 -5.44 -20.98 -14.76
N SER B 43 -5.73 -20.99 -16.06
CA SER B 43 -4.86 -20.31 -17.02
C SER B 43 -4.74 -18.80 -16.81
N LEU B 44 -5.86 -18.12 -16.55
CA LEU B 44 -5.84 -16.69 -16.31
C LEU B 44 -5.01 -16.39 -15.06
N LYS B 45 -5.38 -17.02 -13.95
CA LYS B 45 -4.70 -16.84 -12.68
C LYS B 45 -3.19 -17.01 -12.81
N ALA B 46 -2.77 -18.08 -13.47
CA ALA B 46 -1.35 -18.36 -13.65
C ALA B 46 -0.66 -17.24 -14.43
N SER B 47 -1.40 -16.57 -15.28
CA SER B 47 -0.84 -15.49 -16.09
C SER B 47 -0.79 -14.15 -15.35
N CYS B 48 -1.46 -14.08 -14.20
CA CYS B 48 -1.47 -12.84 -13.40
C CYS B 48 -0.19 -12.78 -12.58
N LEU B 49 0.47 -11.62 -12.59
CA LEU B 49 1.73 -11.44 -11.86
C LEU B 49 1.73 -12.01 -10.44
N TYR B 50 0.74 -11.63 -9.64
CA TYR B 50 0.66 -12.13 -8.28
C TYR B 50 -0.48 -13.14 -8.12
N GLY B 51 -0.90 -13.71 -9.26
CA GLY B 51 -1.96 -14.70 -9.26
C GLY B 51 -3.31 -14.18 -8.78
N GLN B 52 -3.54 -12.89 -8.93
CA GLN B 52 -4.78 -12.29 -8.47
C GLN B 52 -5.33 -11.18 -9.37
N LEU B 53 -6.58 -10.81 -9.10
CA LEU B 53 -7.27 -9.73 -9.82
C LEU B 53 -7.48 -8.65 -8.76
N PRO B 54 -7.72 -7.40 -9.18
CA PRO B 54 -7.83 -6.92 -10.55
C PRO B 54 -6.59 -6.88 -11.43
N LYS B 55 -6.85 -6.98 -12.72
CA LYS B 55 -5.84 -6.87 -13.76
C LYS B 55 -6.35 -5.63 -14.51
N PHE B 56 -5.44 -4.79 -14.97
CA PHE B 56 -5.84 -3.56 -15.66
C PHE B 56 -4.99 -3.34 -16.91
N GLN B 57 -5.62 -2.81 -17.95
CA GLN B 57 -4.91 -2.55 -19.20
C GLN B 57 -5.16 -1.12 -19.65
N ASP B 58 -4.10 -0.43 -20.00
CA ASP B 58 -4.16 0.95 -20.48
C ASP B 58 -3.28 0.93 -21.73
N GLY B 59 -3.89 0.76 -22.89
CA GLY B 59 -3.10 0.69 -24.11
C GLY B 59 -2.38 -0.65 -24.03
N ASP B 60 -1.09 -0.69 -24.32
CA ASP B 60 -0.37 -1.95 -24.23
C ASP B 60 0.29 -2.13 -22.86
N LEU B 61 -0.10 -1.28 -21.92
CA LEU B 61 0.41 -1.34 -20.54
C LEU B 61 -0.52 -2.22 -19.73
N THR B 62 0.03 -3.25 -19.08
CA THR B 62 -0.76 -4.12 -18.25
C THR B 62 -0.30 -3.96 -16.81
N LEU B 63 -1.26 -3.75 -15.91
CA LEU B 63 -0.97 -3.55 -14.51
C LEU B 63 -1.74 -4.50 -13.60
N TYR B 64 -1.23 -4.68 -12.39
CA TYR B 64 -1.86 -5.51 -11.34
C TYR B 64 -1.76 -4.67 -10.06
N GLN B 65 -2.56 -5.00 -9.04
CA GLN B 65 -2.58 -4.29 -7.75
C GLN B 65 -3.51 -3.08 -7.82
N SER B 66 -4.63 -3.14 -7.08
CA SER B 66 -5.62 -2.06 -7.08
C SER B 66 -5.04 -0.67 -6.82
N ASN B 67 -4.13 -0.55 -5.86
CA ASN B 67 -3.56 0.76 -5.56
C ASN B 67 -2.61 1.25 -6.64
N THR B 68 -2.03 0.32 -7.39
CA THR B 68 -1.14 0.68 -8.49
C THR B 68 -2.00 1.28 -9.58
N ILE B 69 -3.18 0.70 -9.80
CA ILE B 69 -4.09 1.21 -10.82
C ILE B 69 -4.57 2.61 -10.43
N LEU B 70 -4.92 2.77 -9.16
CA LEU B 70 -5.39 4.06 -8.65
C LEU B 70 -4.30 5.13 -8.82
N ARG B 71 -3.07 4.80 -8.43
CA ARG B 71 -1.97 5.76 -8.55
C ARG B 71 -1.64 6.08 -9.99
N HIS B 72 -1.78 5.10 -10.87
CA HIS B 72 -1.48 5.30 -12.30
C HIS B 72 -2.51 6.26 -12.90
N LEU B 73 -3.78 6.03 -12.56
CA LEU B 73 -4.86 6.88 -13.04
C LEU B 73 -4.67 8.28 -12.43
N GLY B 74 -4.35 8.33 -11.14
CA GLY B 74 -4.14 9.61 -10.49
C GLY B 74 -3.01 10.38 -11.13
N ARG B 75 -1.93 9.68 -11.42
CA ARG B 75 -0.76 10.26 -12.03
C ARG B 75 -1.02 10.79 -13.45
N THR B 76 -1.58 9.94 -14.30
CA THR B 76 -1.86 10.30 -15.69
C THR B 76 -3.04 11.26 -15.90
N LEU B 77 -3.97 11.28 -14.95
CA LEU B 77 -5.15 12.12 -15.05
C LEU B 77 -5.07 13.41 -14.22
N GLY B 78 -3.97 13.59 -13.52
CA GLY B 78 -3.81 14.79 -12.71
C GLY B 78 -4.63 14.81 -11.43
N LEU B 79 -4.70 13.67 -10.75
CA LEU B 79 -5.43 13.54 -9.49
C LEU B 79 -4.46 13.03 -8.45
N TYR B 80 -3.32 13.71 -8.34
CA TYR B 80 -2.26 13.31 -7.41
C TYR B 80 -1.61 14.51 -6.73
N GLY B 81 -2.42 15.51 -6.40
CA GLY B 81 -1.89 16.69 -5.73
C GLY B 81 -1.28 17.70 -6.69
N LYS B 82 -1.05 18.92 -6.21
CA LYS B 82 -0.50 19.98 -7.05
C LYS B 82 1.03 20.03 -7.00
N ASP B 83 1.62 19.42 -5.98
CA ASP B 83 3.07 19.40 -5.83
C ASP B 83 3.51 18.16 -5.07
N GLN B 84 4.82 18.02 -4.87
CA GLN B 84 5.34 16.86 -4.17
C GLN B 84 4.83 16.76 -2.74
N GLN B 85 4.65 17.91 -2.10
CA GLN B 85 4.16 17.92 -0.74
C GLN B 85 2.75 17.35 -0.70
N GLU B 86 1.90 17.78 -1.63
CA GLU B 86 0.53 17.28 -1.67
C GLU B 86 0.49 15.81 -2.09
N ALA B 87 1.36 15.45 -3.03
CA ALA B 87 1.42 14.07 -3.52
C ALA B 87 1.71 13.14 -2.34
N ALA B 88 2.61 13.56 -1.45
CA ALA B 88 2.96 12.74 -0.28
C ALA B 88 1.77 12.62 0.67
N LEU B 89 1.05 13.72 0.86
CA LEU B 89 -0.13 13.71 1.74
C LEU B 89 -1.21 12.79 1.15
N VAL B 90 -1.33 12.79 -0.18
CA VAL B 90 -2.30 11.95 -0.86
C VAL B 90 -1.94 10.49 -0.59
N ASP B 91 -0.65 10.19 -0.67
CA ASP B 91 -0.15 8.83 -0.42
C ASP B 91 -0.45 8.43 1.02
N MET B 92 -0.24 9.37 1.94
CA MET B 92 -0.47 9.11 3.35
C MET B 92 -1.93 8.75 3.60
N VAL B 93 -2.83 9.42 2.89
CA VAL B 93 -4.26 9.14 3.04
C VAL B 93 -4.60 7.77 2.47
N ASN B 94 -4.13 7.48 1.26
CA ASN B 94 -4.43 6.20 0.63
C ASN B 94 -3.88 5.01 1.40
N ASP B 95 -2.69 5.15 1.99
CA ASP B 95 -2.11 4.07 2.77
C ASP B 95 -2.96 3.82 3.99
N GLY B 96 -3.49 4.89 4.57
CA GLY B 96 -4.35 4.76 5.73
C GLY B 96 -5.66 4.09 5.32
N VAL B 97 -6.15 4.43 4.13
CA VAL B 97 -7.39 3.83 3.62
C VAL B 97 -7.16 2.34 3.40
N GLU B 98 -6.02 2.01 2.78
CA GLU B 98 -5.68 0.61 2.52
C GLU B 98 -5.59 -0.18 3.82
N ASP B 99 -5.00 0.41 4.85
CA ASP B 99 -4.85 -0.26 6.14
C ASP B 99 -6.22 -0.68 6.70
N LEU B 100 -7.17 0.25 6.67
CA LEU B 100 -8.50 -0.04 7.17
C LEU B 100 -9.21 -1.02 6.24
N ARG B 101 -9.03 -0.87 4.93
CA ARG B 101 -9.67 -1.78 3.98
C ARG B 101 -9.22 -3.22 4.26
N CYS B 102 -7.95 -3.39 4.61
CA CYS B 102 -7.43 -4.71 4.90
C CYS B 102 -8.13 -5.30 6.13
N LYS B 103 -8.38 -4.47 7.14
CA LYS B 103 -9.06 -4.95 8.34
C LYS B 103 -10.50 -5.33 7.97
N TYR B 104 -11.14 -4.49 7.16
CA TYR B 104 -12.52 -4.71 6.73
C TYR B 104 -12.59 -6.03 5.97
N ILE B 105 -11.65 -6.24 5.05
CA ILE B 105 -11.61 -7.46 4.24
C ILE B 105 -11.38 -8.68 5.12
N SER B 106 -10.51 -8.56 6.11
CA SER B 106 -10.26 -9.68 7.01
C SER B 106 -11.55 -10.08 7.72
N LEU B 107 -12.29 -9.10 8.23
CA LEU B 107 -13.55 -9.36 8.93
C LEU B 107 -14.54 -10.06 8.00
N ILE B 108 -14.77 -9.46 6.83
CA ILE B 108 -15.70 -9.98 5.83
C ILE B 108 -15.45 -11.43 5.41
N TYR B 109 -14.20 -11.75 5.09
CA TYR B 109 -13.84 -13.07 4.61
C TYR B 109 -13.28 -14.03 5.64
N THR B 110 -13.00 -13.53 6.83
CA THR B 110 -12.35 -14.34 7.85
C THR B 110 -13.02 -14.53 9.20
N ASN B 111 -13.79 -13.55 9.65
CA ASN B 111 -14.40 -13.65 10.97
C ASN B 111 -15.61 -12.75 11.14
N TYR B 112 -16.46 -12.71 10.12
CA TYR B 112 -17.64 -11.84 10.18
C TYR B 112 -18.51 -12.02 11.41
N GLU B 113 -19.09 -13.20 11.55
CA GLU B 113 -19.97 -13.54 12.67
C GLU B 113 -19.41 -13.23 14.06
N ALA B 114 -18.24 -13.77 14.36
CA ALA B 114 -17.63 -13.57 15.66
C ALA B 114 -16.86 -12.26 15.86
N GLY B 115 -16.44 -11.63 14.77
CA GLY B 115 -15.68 -10.40 14.91
C GLY B 115 -16.35 -9.07 14.65
N LYS B 116 -17.58 -9.08 14.16
CA LYS B 116 -18.29 -7.84 13.85
C LYS B 116 -18.46 -6.85 15.01
N ASP B 117 -18.90 -7.36 16.17
CA ASP B 117 -19.11 -6.51 17.32
C ASP B 117 -17.87 -5.73 17.70
N ASP B 118 -16.75 -6.44 17.83
CA ASP B 118 -15.50 -5.80 18.19
C ASP B 118 -15.06 -4.82 17.09
N TYR B 119 -15.26 -5.23 15.83
CA TYR B 119 -14.86 -4.38 14.71
C TYR B 119 -15.61 -3.06 14.72
N VAL B 120 -16.93 -3.14 14.88
CA VAL B 120 -17.76 -1.95 14.90
C VAL B 120 -17.44 -1.08 16.11
N LYS B 121 -17.10 -1.71 17.23
CA LYS B 121 -16.75 -0.99 18.44
C LYS B 121 -15.48 -0.18 18.22
N ALA B 122 -14.56 -0.73 17.44
CA ALA B 122 -13.28 -0.08 17.16
C ALA B 122 -13.32 0.90 15.98
N LEU B 123 -14.39 0.85 15.19
CA LEU B 123 -14.54 1.70 14.00
C LEU B 123 -14.30 3.21 14.21
N PRO B 124 -14.94 3.81 15.21
CA PRO B 124 -14.74 5.25 15.44
C PRO B 124 -13.26 5.66 15.48
N GLY B 125 -12.47 4.93 16.25
CA GLY B 125 -11.05 5.23 16.36
C GLY B 125 -10.33 5.10 15.03
N GLN B 126 -10.86 4.25 14.15
CA GLN B 126 -10.27 4.02 12.84
C GLN B 126 -10.69 5.09 11.84
N LEU B 127 -11.87 5.68 12.05
CA LEU B 127 -12.40 6.72 11.16
C LEU B 127 -11.93 8.11 11.56
N LYS B 128 -11.75 8.32 12.86
CA LYS B 128 -11.33 9.60 13.40
C LYS B 128 -10.18 10.27 12.62
N PRO B 129 -9.15 9.51 12.24
CA PRO B 129 -8.04 10.14 11.49
C PRO B 129 -8.45 10.86 10.21
N PHE B 130 -9.45 10.34 9.50
CA PHE B 130 -9.86 10.98 8.26
C PHE B 130 -10.69 12.24 8.51
N GLU B 131 -11.42 12.26 9.62
CA GLU B 131 -12.20 13.44 9.99
C GLU B 131 -11.18 14.54 10.33
N THR B 132 -10.14 14.15 11.07
CA THR B 132 -9.08 15.09 11.45
C THR B 132 -8.40 15.69 10.22
N LEU B 133 -8.09 14.84 9.24
CA LEU B 133 -7.45 15.30 8.01
C LEU B 133 -8.34 16.35 7.32
N LEU B 134 -9.64 16.07 7.25
CA LEU B 134 -10.58 16.99 6.63
C LEU B 134 -10.57 18.32 7.42
N SER B 135 -10.63 18.22 8.74
CA SER B 135 -10.66 19.39 9.61
C SER B 135 -9.45 20.29 9.43
N GLN B 136 -8.34 19.72 8.98
CA GLN B 136 -7.12 20.48 8.78
C GLN B 136 -6.97 20.99 7.35
N ASN B 137 -7.98 20.74 6.52
CA ASN B 137 -7.93 21.18 5.12
C ASN B 137 -9.18 21.99 4.73
N GLN B 138 -9.10 23.30 4.89
CA GLN B 138 -10.21 24.20 4.55
C GLN B 138 -11.50 23.82 5.25
N GLY B 139 -11.40 23.52 6.55
CA GLY B 139 -12.57 23.15 7.31
C GLY B 139 -13.30 21.94 6.77
N GLY B 140 -12.60 21.15 5.96
CA GLY B 140 -13.19 19.95 5.38
C GLY B 140 -14.24 20.24 4.32
N LYS B 141 -14.19 21.42 3.74
CA LYS B 141 -15.15 21.83 2.71
C LYS B 141 -14.81 21.42 1.28
N THR B 142 -13.61 20.91 1.06
CA THR B 142 -13.24 20.52 -0.29
C THR B 142 -12.92 19.04 -0.43
N PHE B 143 -11.63 18.70 -0.44
CA PHE B 143 -11.22 17.31 -0.58
C PHE B 143 -10.33 16.85 0.56
N ILE B 144 -9.92 15.59 0.52
CA ILE B 144 -9.10 15.07 1.61
C ILE B 144 -7.72 15.72 1.64
N VAL B 145 -7.19 16.08 0.47
CA VAL B 145 -5.90 16.76 0.37
C VAL B 145 -5.98 17.88 -0.66
N GLY B 146 -5.63 19.09 -0.24
CA GLY B 146 -5.66 20.23 -1.14
C GLY B 146 -7.05 20.64 -1.58
N ASP B 147 -7.13 21.40 -2.67
CA ASP B 147 -8.42 21.87 -3.17
C ASP B 147 -8.83 21.24 -4.49
N GLN B 148 -8.17 20.14 -4.85
CA GLN B 148 -8.50 19.43 -6.08
C GLN B 148 -8.68 17.97 -5.69
N ILE B 149 -9.55 17.27 -6.40
CA ILE B 149 -9.81 15.86 -6.09
C ILE B 149 -8.58 15.00 -6.42
N SER B 150 -8.40 13.91 -5.68
CA SER B 150 -7.28 13.01 -5.90
C SER B 150 -7.77 11.56 -5.90
N PHE B 151 -6.90 10.62 -6.28
CA PHE B 151 -7.32 9.23 -6.29
C PHE B 151 -7.64 8.74 -4.88
N ALA B 152 -7.02 9.35 -3.88
CA ALA B 152 -7.27 8.98 -2.49
C ALA B 152 -8.70 9.33 -2.08
N ASP B 153 -9.27 10.34 -2.71
CA ASP B 153 -10.64 10.75 -2.41
C ASP B 153 -11.61 9.63 -2.82
N TYR B 154 -11.40 9.06 -4.00
CA TYR B 154 -12.26 7.99 -4.47
C TYR B 154 -12.11 6.76 -3.59
N ASN B 155 -10.86 6.44 -3.23
CA ASN B 155 -10.62 5.28 -2.38
C ASN B 155 -11.23 5.49 -1.01
N LEU B 156 -11.08 6.68 -0.43
CA LEU B 156 -11.66 6.95 0.88
C LEU B 156 -13.20 6.91 0.82
N LEU B 157 -13.77 7.50 -0.23
CA LEU B 157 -15.22 7.53 -0.40
C LEU B 157 -15.77 6.10 -0.36
N ASP B 158 -15.19 5.20 -1.14
CA ASP B 158 -15.66 3.82 -1.16
C ASP B 158 -15.57 3.19 0.22
N LEU B 159 -14.46 3.41 0.90
CA LEU B 159 -14.26 2.86 2.24
C LEU B 159 -15.38 3.34 3.18
N LEU B 160 -15.72 4.62 3.08
CA LEU B 160 -16.78 5.20 3.91
C LEU B 160 -18.14 4.62 3.51
N LEU B 161 -18.38 4.48 2.21
CA LEU B 161 -19.65 3.93 1.74
C LEU B 161 -19.87 2.49 2.21
N ILE B 162 -18.86 1.63 2.06
CA ILE B 162 -19.03 0.25 2.48
C ILE B 162 -19.13 0.10 4.00
N HIS B 163 -18.58 1.06 4.74
CA HIS B 163 -18.67 0.95 6.18
C HIS B 163 -20.04 1.41 6.68
N GLU B 164 -20.69 2.28 5.93
CA GLU B 164 -22.03 2.74 6.31
C GLU B 164 -22.99 1.59 6.10
N VAL B 165 -22.62 0.67 5.20
CA VAL B 165 -23.44 -0.51 4.93
C VAL B 165 -23.18 -1.51 6.06
N LEU B 166 -21.92 -1.64 6.46
CA LEU B 166 -21.55 -2.57 7.53
C LEU B 166 -22.05 -2.09 8.90
N ALA B 167 -21.99 -0.79 9.15
CA ALA B 167 -22.41 -0.24 10.42
C ALA B 167 -23.16 1.06 10.19
N PRO B 168 -24.43 0.98 9.78
CA PRO B 168 -25.24 2.18 9.52
C PRO B 168 -25.11 3.21 10.63
N GLY B 169 -24.88 4.46 10.26
CA GLY B 169 -24.75 5.54 11.22
C GLY B 169 -23.34 5.75 11.76
N CYS B 170 -22.37 4.99 11.27
CA CYS B 170 -21.00 5.13 11.77
C CYS B 170 -20.39 6.51 11.51
N LEU B 171 -20.98 7.26 10.57
CA LEU B 171 -20.48 8.60 10.26
C LEU B 171 -21.22 9.72 10.97
N ASP B 172 -22.30 9.38 11.66
CA ASP B 172 -23.13 10.38 12.35
C ASP B 172 -22.36 11.27 13.32
N ALA B 173 -21.34 10.71 13.98
CA ALA B 173 -20.54 11.47 14.93
C ALA B 173 -19.45 12.27 14.23
N PHE B 174 -19.35 12.13 12.91
CA PHE B 174 -18.33 12.81 12.13
C PHE B 174 -18.95 13.72 11.08
N PRO B 175 -19.15 15.00 11.41
CA PRO B 175 -19.75 15.97 10.49
C PRO B 175 -19.01 16.19 9.17
N LEU B 176 -17.69 16.32 9.23
CA LEU B 176 -16.92 16.53 8.01
C LEU B 176 -17.00 15.32 7.08
N LEU B 177 -16.82 14.13 7.63
CA LEU B 177 -16.87 12.92 6.81
C LEU B 177 -18.28 12.75 6.21
N SER B 178 -19.30 13.01 7.02
CA SER B 178 -20.67 12.88 6.55
C SER B 178 -20.95 13.82 5.39
N ALA B 179 -20.59 15.09 5.57
CA ALA B 179 -20.79 16.10 4.53
C ALA B 179 -19.96 15.78 3.28
N TYR B 180 -18.75 15.28 3.51
CA TYR B 180 -17.84 14.91 2.43
C TYR B 180 -18.45 13.81 1.56
N VAL B 181 -18.99 12.78 2.19
CA VAL B 181 -19.62 11.68 1.46
C VAL B 181 -20.77 12.21 0.61
N GLY B 182 -21.62 13.06 1.21
CA GLY B 182 -22.74 13.63 0.47
C GLY B 182 -22.30 14.49 -0.69
N ARG B 183 -21.30 15.32 -0.44
CA ARG B 183 -20.77 16.22 -1.45
C ARG B 183 -20.15 15.49 -2.64
N LEU B 184 -19.28 14.52 -2.38
CA LEU B 184 -18.64 13.81 -3.48
C LEU B 184 -19.65 12.91 -4.21
N SER B 185 -20.54 12.29 -3.45
CA SER B 185 -21.55 11.41 -4.04
C SER B 185 -22.51 12.20 -4.93
N ALA B 186 -22.56 13.51 -4.73
CA ALA B 186 -23.43 14.38 -5.51
C ALA B 186 -22.82 14.87 -6.82
N ARG B 187 -21.51 14.69 -7.01
CA ARG B 187 -20.88 15.12 -8.26
C ARG B 187 -21.63 14.40 -9.37
N PRO B 188 -22.16 15.16 -10.35
CA PRO B 188 -22.94 14.66 -11.49
C PRO B 188 -22.57 13.30 -12.09
N LYS B 189 -21.36 13.18 -12.63
CA LYS B 189 -20.95 11.91 -13.23
C LYS B 189 -20.91 10.78 -12.20
N LEU B 190 -20.40 11.07 -11.01
CA LEU B 190 -20.31 10.07 -9.95
C LEU B 190 -21.69 9.65 -9.45
N LYS B 191 -22.57 10.63 -9.26
CA LYS B 191 -23.93 10.35 -8.80
C LYS B 191 -24.63 9.41 -9.78
N ALA B 192 -24.47 9.68 -11.07
CA ALA B 192 -25.09 8.85 -12.11
C ALA B 192 -24.53 7.43 -12.09
N PHE B 193 -23.22 7.31 -11.86
CA PHE B 193 -22.58 6.00 -11.82
C PHE B 193 -23.03 5.19 -10.62
N LEU B 194 -23.05 5.83 -9.46
CA LEU B 194 -23.45 5.15 -8.24
C LEU B 194 -24.90 4.65 -8.27
N ALA B 195 -25.74 5.31 -9.06
CA ALA B 195 -27.14 4.92 -9.16
C ALA B 195 -27.37 3.91 -10.28
N SER B 196 -26.36 3.71 -11.10
CA SER B 196 -26.46 2.79 -12.24
C SER B 196 -26.45 1.34 -11.79
N PRO B 197 -27.07 0.46 -12.59
CA PRO B 197 -27.15 -0.97 -12.29
C PRO B 197 -25.80 -1.69 -12.19
N GLU B 198 -24.84 -1.30 -13.01
CA GLU B 198 -23.53 -1.95 -12.99
C GLU B 198 -22.83 -1.78 -11.64
N TYR B 199 -23.30 -0.83 -10.84
CA TYR B 199 -22.74 -0.63 -9.52
C TYR B 199 -23.73 -1.17 -8.50
N VAL B 200 -24.97 -0.69 -8.57
CA VAL B 200 -25.99 -1.13 -7.62
C VAL B 200 -26.24 -2.64 -7.60
N ASN B 201 -26.23 -3.26 -8.77
CA ASN B 201 -26.52 -4.69 -8.86
C ASN B 201 -25.32 -5.62 -8.70
N LEU B 202 -24.20 -5.08 -8.26
CA LEU B 202 -22.99 -5.87 -8.02
C LEU B 202 -22.81 -6.01 -6.52
N PRO B 203 -22.50 -7.24 -6.03
CA PRO B 203 -22.31 -7.36 -4.58
C PRO B 203 -21.03 -6.61 -4.19
N ILE B 204 -20.95 -6.14 -2.94
CA ILE B 204 -19.79 -5.41 -2.48
C ILE B 204 -18.60 -6.36 -2.40
N ASN B 205 -18.83 -7.54 -1.84
CA ASN B 205 -17.78 -8.55 -1.69
C ASN B 205 -18.11 -9.84 -2.41
N GLY B 206 -17.12 -10.72 -2.52
CA GLY B 206 -17.32 -11.97 -3.22
C GLY B 206 -18.00 -13.08 -2.45
N ASN B 207 -18.16 -12.90 -1.13
CA ASN B 207 -18.79 -13.94 -0.33
C ASN B 207 -20.21 -13.59 0.14
N GLY B 208 -20.75 -12.50 -0.38
CA GLY B 208 -22.10 -12.11 -0.02
C GLY B 208 -22.31 -11.40 1.31
N LYS B 209 -21.24 -11.26 2.10
CA LYS B 209 -21.37 -10.56 3.37
C LYS B 209 -21.07 -9.09 3.14
N GLN B 210 -21.62 -8.23 4.00
CA GLN B 210 -21.43 -6.80 3.89
C GLN B 210 -21.88 -6.13 5.19
N1 GDN C . 0.82 0.95 7.72
CA1 GDN C . 1.86 1.36 8.72
C1 GDN C . 3.16 1.74 8.08
O11 GDN C . 4.00 2.51 8.47
O12 GDN C . 3.28 1.04 6.89
CB1 GDN C . 1.96 0.31 9.80
CG1 GDN C . 2.68 0.93 11.06
CD1 GDN C . 2.75 -0.15 12.16
OE1 GDN C . 2.36 -1.31 11.89
N2 GDN C . 3.24 0.32 13.31
CA2 GDN C . 3.41 -0.48 14.51
C2 GDN C . 3.13 0.40 15.74
O2 GDN C . 3.43 1.58 15.62
CB2 GDN C . 4.80 -1.15 14.56
SG2 GDN C . 4.78 -2.53 15.69
N3 GDN C . 2.60 -0.11 16.82
CA3 GDN C . 2.35 0.76 17.99
C3 GDN C . 0.89 0.86 18.30
O31 GDN C . 0.00 0.55 17.45
O32 GDN C . 0.41 1.25 19.49
C1' GDN C . 3.75 -3.83 15.21
C2' GDN C . 3.38 -4.80 16.16
C3' GDN C . 2.51 -5.86 15.74
C4' GDN C . 2.06 -5.91 14.38
C5' GDN C . 2.45 -4.95 13.43
C6' GDN C . 3.29 -3.91 13.84
N2' GDN C . 3.77 -4.87 17.59
O2A GDN C . 4.35 -3.95 18.17
O2B GDN C . 3.46 -5.97 18.16
N4' GDN C . 1.20 -6.96 13.97
O4A GDN C . 0.81 -7.91 14.87
O4B GDN C . 0.72 -7.08 12.69
O1 MES D . 21.52 8.08 12.67
C2 MES D . 22.86 8.47 13.11
C3 MES D . 23.92 8.11 12.03
N4 MES D . 23.25 7.67 10.68
C5 MES D . 21.99 8.49 10.27
C6 MES D . 21.01 8.70 11.46
C7 MES D . 24.28 7.60 9.53
C8 MES D . 24.01 6.47 8.51
S MES D . 25.12 6.57 7.10
O1S MES D . 24.32 6.86 5.78
O2S MES D . 25.92 5.21 6.96
O3S MES D . 26.23 7.79 7.29
N1 GDN E . -3.11 -6.50 -3.33
CA1 GDN E . -4.17 -6.92 -4.32
C1 GDN E . -4.81 -5.77 -5.02
O11 GDN E . -5.26 -5.68 -6.14
O12 GDN E . -4.82 -4.71 -4.12
CB1 GDN E . -5.16 -7.85 -3.66
CG1 GDN E . -5.83 -8.71 -4.81
CD1 GDN E . -6.84 -9.71 -4.19
OE1 GDN E . -6.98 -9.72 -2.95
N2 GDN E . -7.42 -10.46 -5.11
CA2 GDN E . -8.41 -11.50 -4.82
C2 GDN E . -8.23 -12.65 -5.81
O2 GDN E . -7.89 -12.34 -6.93
CB2 GDN E . -9.85 -10.91 -4.79
SG2 GDN E . -10.95 -11.87 -3.78
N3 GDN E . -8.41 -13.89 -5.43
CA3 GDN E . -8.22 -14.97 -6.42
C3 GDN E . -7.04 -15.82 -6.13
O31 GDN E . -6.13 -15.48 -5.34
O32 GDN E . -6.88 -17.04 -6.70
C1' GDN E . -10.49 -11.98 -2.12
C2' GDN E . -10.98 -13.05 -1.33
C3' GDN E . -10.58 -13.11 0.03
C4' GDN E . -9.73 -12.11 0.57
C5' GDN E . -9.25 -11.04 -0.21
C6' GDN E . -9.64 -10.97 -1.55
N2' GDN E . -11.86 -14.14 -1.78
O2A GDN E . -12.15 -14.32 -2.96
O2B GDN E . -12.31 -14.87 -0.83
N4' GDN E . -9.32 -12.19 1.92
O4A GDN E . -9.76 -13.21 2.71
O4B GDN E . -8.48 -11.26 2.52
O1 MES F . -18.71 -1.13 -18.45
C2 MES F . -19.78 -0.89 -19.39
C3 MES F . -20.40 0.52 -19.17
N4 MES F . -19.55 1.39 -18.19
C5 MES F . -18.01 1.26 -18.39
C6 MES F . -17.56 -0.23 -18.49
C7 MES F . -20.01 2.87 -18.21
C8 MES F . -19.91 3.56 -16.84
S MES F . -20.24 5.33 -16.97
O1S MES F . -18.94 6.17 -16.60
O2S MES F . -21.43 5.72 -16.02
O3S MES F . -20.66 5.75 -18.53
#